data_7ZYZ
#
_entry.id   7ZYZ
#
_cell.length_a   1.00
_cell.length_b   1.00
_cell.length_c   1.00
_cell.angle_alpha   90.00
_cell.angle_beta   90.00
_cell.angle_gamma   90.00
#
_symmetry.space_group_name_H-M   'P 1'
#
loop_
_entity.id
_entity.type
_entity.pdbx_description
1 polymer 'Pyruvate carboxylase'
2 non-polymer 'MANGANESE (II) ION'
3 non-polymer 'OXALOACETATE ION'
4 water water
#
_entity_poly.entity_id   1
_entity_poly.type   'polypeptide(L)'
_entity_poly.pdbx_seq_one_letter_code
;VPRGSHMKKLLVANRGEIAVRVFRACNELGLSTVAVYAREDEYSVHRFKADESYLIGQGKKPIDAYLDIDDIIRVALESG
ADAIHPGYGLLSENLEFATKVRAAGLVFVGPELHHLDIFGDKIKAKAAADEAKVPGIPGTNGAVDIDGALEFAKTYGYPV
MIKAALGGGGRGMRVARNDAEMHDGYARAKSEAIGAFGSGEIYVEKYIENPKHIEVQILGDRHGNIIHLHERDCSVQRRN
QKVIEIAPAVGLSPDFRNEICEAAVKLCKNVGYVNAGTVEFLVKDDKFYFIEVNPRVQVEHTITELITGVDIVQAQILIA
QGKDLHREIGLPAQSEIPLLGSAIQCRITTEDPQNGFLPDTGKIDTYRSPGGFGIRLDVGNAYAGYEVTPYFDSLLVKVC
TFANEFSDSVRKMDRVLHEFRIRGVKTNIPFLINVIANENFTSGQATTTFIDNTPSLFNFPRLRDRGTKTLHYLSMITVN
GFPGIENTEKRHFEEPRQPLLNLEKKKTAKNILDEQGADAVVDYVKNTKEVLLTDTTLRDAHQSLLATRLRLQDMKGIAQ
AIDQGLPELFSAEMWGGATFDVAYRFLNESPWYRLRKLRKLMPNTMFQMLFRGSNAVGYQNYPDNVIEEFIRVAAHEGID
VFRIFDSLNWLPQMEKSIQAVRDNGKIAEATICYTGDILDPSRPKYNIQYYKDLAKELEATGAHILAV(KCX)DMAGLLK
PQAAYRLISELKDTVDLPIHLHTHDTSGNGIITYSGATQAGVDIIDVATASLAGGTSQPSMQSIYYALEHGPRHASINVK
NAEQIDHYWEDVRKYYAPFEAGITSPQTEVYMHEMPGGQYTNLKSQAAAVGLGHRFDEIKQMYRKVNMMFGDIIKVTPSS
KVVGDMALFMIQNDLTEEDVYARGNELNFPESVVSFFRGDLGQPVGGFPEKLQKIIVKDKAVITDRPGLHAEKVDFETVK
ADLEQKIGYEPGDHEVISYIMYPQVFLDYQKMQREFGAVTLLDTPTFLHGMRLNEKIEVQIEKGKTLSIRLDEIGEPDLA
GNRVLFFNLNGQRREVVINDQSVQAQVVAKRKAETGNPNQIGATMPGSVLEILVKAGDKVQKGQALMVTEAMKMETTIEA
PFDGEIVDLHVVKGEAIQTQDLLIEIN
;
_entity_poly.pdbx_strand_id   A
#
loop_
_chem_comp.id
_chem_comp.type
_chem_comp.name
_chem_comp.formula
MN non-polymer 'MANGANESE (II) ION' 'Mn 2'
OAA non-polymer 'OXALOACETATE ION' 'C4 H3 O5 -1'
#
# COMPACT_ATOMS: atom_id res chain seq x y z
N ARG A 466 17.66 -21.36 -20.59
CA ARG A 466 17.64 -20.90 -19.20
C ARG A 466 17.83 -22.06 -18.26
N GLY A 467 18.27 -23.19 -18.81
CA GLY A 467 18.53 -24.35 -17.98
C GLY A 467 19.69 -24.16 -17.03
N THR A 468 20.79 -23.60 -17.50
CA THR A 468 21.97 -23.43 -16.64
C THR A 468 21.69 -22.46 -15.49
N LYS A 469 21.02 -21.34 -15.79
CA LYS A 469 20.63 -20.41 -14.76
C LYS A 469 19.70 -21.07 -13.74
N THR A 470 18.74 -21.86 -14.23
CA THR A 470 17.77 -22.48 -13.35
C THR A 470 18.44 -23.50 -12.43
N LEU A 471 19.33 -24.33 -12.98
CA LEU A 471 20.03 -25.28 -12.13
C LEU A 471 20.96 -24.57 -11.17
N HIS A 472 21.54 -23.43 -11.57
CA HIS A 472 22.38 -22.70 -10.64
C HIS A 472 21.57 -22.20 -9.46
N TYR A 473 20.40 -21.62 -9.73
CA TYR A 473 19.55 -21.15 -8.63
C TYR A 473 19.09 -22.31 -7.77
N LEU A 474 18.70 -23.42 -8.39
CA LEU A 474 18.21 -24.56 -7.63
C LEU A 474 19.30 -25.10 -6.71
N SER A 475 20.53 -25.18 -7.22
CA SER A 475 21.65 -25.59 -6.39
C SER A 475 21.89 -24.61 -5.25
N MET A 476 21.84 -23.31 -5.55
CA MET A 476 22.08 -22.30 -4.53
C MET A 476 21.10 -22.42 -3.37
N ILE A 477 19.82 -22.61 -3.68
CA ILE A 477 18.83 -22.71 -2.62
C ILE A 477 18.86 -24.09 -1.96
N THR A 478 19.13 -25.15 -2.72
CA THR A 478 19.22 -26.48 -2.14
C THR A 478 20.33 -26.54 -1.11
N VAL A 479 21.47 -25.91 -1.38
CA VAL A 479 22.62 -26.05 -0.52
C VAL A 479 22.68 -24.97 0.56
N ASN A 480 22.43 -23.72 0.21
CA ASN A 480 22.60 -22.62 1.16
C ASN A 480 21.28 -22.06 1.68
N GLY A 481 20.15 -22.54 1.18
CA GLY A 481 18.87 -22.07 1.66
C GLY A 481 18.51 -20.70 1.12
N PHE A 482 17.24 -20.36 1.29
CA PHE A 482 16.76 -19.06 0.86
C PHE A 482 17.21 -17.99 1.83
N PRO A 483 17.83 -16.92 1.36
CA PRO A 483 18.31 -15.89 2.28
C PRO A 483 17.17 -15.27 3.06
N GLY A 484 17.42 -15.01 4.34
CA GLY A 484 16.47 -14.34 5.19
C GLY A 484 15.45 -15.23 5.86
N ILE A 485 15.42 -16.52 5.53
CA ILE A 485 14.52 -17.46 6.18
C ILE A 485 15.30 -18.72 6.52
N GLU A 486 14.75 -19.51 7.44
CA GLU A 486 15.48 -20.64 7.98
C GLU A 486 15.40 -21.80 6.98
N ASN A 487 16.46 -22.59 6.91
CA ASN A 487 16.60 -23.59 5.85
C ASN A 487 15.72 -24.81 6.07
N THR A 488 14.41 -24.59 6.22
CA THR A 488 13.49 -25.69 6.45
C THR A 488 13.52 -26.66 5.27
N GLU A 489 13.35 -27.94 5.58
CA GLU A 489 13.29 -28.95 4.54
C GLU A 489 12.06 -28.73 3.67
N LYS A 490 12.19 -29.05 2.39
CA LYS A 490 11.10 -28.88 1.44
C LYS A 490 9.95 -29.82 1.78
N ARG A 491 8.75 -29.25 1.90
CA ARG A 491 7.60 -30.03 2.31
C ARG A 491 6.80 -30.53 1.12
N HIS A 492 6.02 -31.59 1.35
CA HIS A 492 5.12 -32.10 0.34
C HIS A 492 3.82 -31.30 0.37
N PHE A 493 3.52 -30.62 -0.73
CA PHE A 493 2.29 -29.86 -0.86
C PHE A 493 1.45 -30.48 -1.96
N GLU A 494 0.15 -30.59 -1.71
CA GLU A 494 -0.76 -30.96 -2.77
C GLU A 494 -0.98 -29.76 -3.70
N GLU A 495 -1.42 -30.06 -4.91
CA GLU A 495 -1.77 -28.98 -5.83
C GLU A 495 -2.94 -28.19 -5.27
N PRO A 496 -2.87 -26.87 -5.28
CA PRO A 496 -3.98 -26.07 -4.73
C PRO A 496 -5.28 -26.35 -5.47
N ARG A 497 -6.38 -26.28 -4.73
CA ARG A 497 -7.69 -26.57 -5.30
C ARG A 497 -8.02 -25.56 -6.38
N GLN A 498 -8.45 -26.05 -7.53
CA GLN A 498 -8.93 -25.15 -8.56
C GLN A 498 -10.43 -24.91 -8.38
N PRO A 499 -10.88 -23.67 -8.51
CA PRO A 499 -12.28 -23.37 -8.20
C PRO A 499 -13.24 -23.91 -9.25
N LEU A 500 -14.42 -24.30 -8.79
CA LEU A 500 -15.55 -24.58 -9.66
C LEU A 500 -16.46 -23.37 -9.64
N LEU A 501 -16.62 -22.73 -10.79
CA LEU A 501 -17.24 -21.41 -10.87
C LEU A 501 -18.52 -21.47 -11.69
N ASN A 502 -19.54 -20.76 -11.23
CA ASN A 502 -20.69 -20.44 -12.05
C ASN A 502 -20.45 -19.07 -12.65
N LEU A 503 -20.40 -19.00 -13.97
CA LEU A 503 -19.91 -17.84 -14.69
C LEU A 503 -21.06 -17.08 -15.33
N GLU A 504 -21.01 -15.75 -15.25
CA GLU A 504 -21.93 -14.88 -15.94
C GLU A 504 -21.15 -13.73 -16.57
N LYS A 505 -21.70 -13.19 -17.65
CA LYS A 505 -21.11 -12.07 -18.36
C LYS A 505 -21.75 -10.77 -17.86
N LYS A 506 -20.97 -9.93 -17.19
CA LYS A 506 -21.55 -8.86 -16.42
C LYS A 506 -21.14 -7.44 -16.78
N LYS A 507 -20.30 -7.23 -17.80
CA LYS A 507 -19.99 -5.88 -18.26
C LYS A 507 -19.39 -5.06 -17.09
N THR A 508 -18.16 -5.41 -16.79
CA THR A 508 -17.49 -4.84 -15.62
C THR A 508 -17.15 -3.36 -15.84
N ALA A 509 -16.78 -2.70 -14.74
CA ALA A 509 -16.36 -1.31 -14.79
C ALA A 509 -15.13 -1.12 -15.67
N LYS A 510 -14.30 -2.15 -15.80
CA LYS A 510 -13.17 -2.08 -16.72
C LYS A 510 -13.64 -1.88 -18.16
N ASN A 511 -14.70 -2.60 -18.55
CA ASN A 511 -15.26 -2.44 -19.88
C ASN A 511 -15.78 -1.03 -20.10
N ILE A 512 -16.45 -0.46 -19.08
CA ILE A 512 -16.95 0.90 -19.18
C ILE A 512 -15.80 1.89 -19.33
N LEU A 513 -14.73 1.70 -18.56
CA LEU A 513 -13.58 2.60 -18.69
C LEU A 513 -12.95 2.50 -20.07
N ASP A 514 -12.81 1.28 -20.58
CA ASP A 514 -12.23 1.11 -21.91
C ASP A 514 -13.11 1.75 -22.98
N GLU A 515 -14.43 1.65 -22.83
CA GLU A 515 -15.33 2.12 -23.87
C GLU A 515 -15.63 3.61 -23.79
N GLN A 516 -15.86 4.14 -22.59
CA GLN A 516 -16.38 5.49 -22.47
C GLN A 516 -15.67 6.35 -21.44
N GLY A 517 -14.52 5.93 -20.94
CA GLY A 517 -13.72 6.79 -20.11
C GLY A 517 -14.08 6.74 -18.64
N ALA A 518 -13.38 7.58 -17.89
CA ALA A 518 -13.45 7.54 -16.43
C ALA A 518 -14.72 8.17 -15.89
N ASP A 519 -15.24 9.19 -16.56
CA ASP A 519 -16.50 9.80 -16.14
C ASP A 519 -17.65 8.82 -16.26
N ALA A 520 -17.62 7.96 -17.28
CA ALA A 520 -18.61 6.90 -17.37
C ALA A 520 -18.49 5.94 -16.19
N VAL A 521 -17.26 5.65 -15.77
CA VAL A 521 -17.09 4.75 -14.63
C VAL A 521 -17.63 5.39 -13.36
N VAL A 522 -17.37 6.68 -13.15
CA VAL A 522 -17.88 7.28 -11.91
C VAL A 522 -19.39 7.43 -11.97
N ASP A 523 -19.97 7.59 -13.15
CA ASP A 523 -21.42 7.54 -13.26
C ASP A 523 -21.94 6.16 -12.90
N TYR A 524 -21.25 5.12 -13.37
CA TYR A 524 -21.62 3.76 -13.02
C TYR A 524 -21.53 3.53 -11.52
N VAL A 525 -20.46 4.03 -10.88
CA VAL A 525 -20.31 3.88 -9.45
C VAL A 525 -21.43 4.60 -8.71
N LYS A 526 -21.76 5.81 -9.17
CA LYS A 526 -22.81 6.59 -8.51
C LYS A 526 -24.15 5.89 -8.60
N ASN A 527 -24.47 5.32 -9.75
CA ASN A 527 -25.78 4.71 -9.97
C ASN A 527 -25.87 3.29 -9.47
N THR A 528 -24.81 2.75 -8.90
CA THR A 528 -24.84 1.43 -8.29
C THR A 528 -25.50 1.52 -6.92
N LYS A 529 -26.60 0.80 -6.73
CA LYS A 529 -27.25 0.78 -5.43
C LYS A 529 -26.43 0.01 -4.41
N GLU A 530 -25.89 -1.13 -4.82
CA GLU A 530 -25.08 -1.96 -3.93
C GLU A 530 -23.77 -1.27 -3.62
N VAL A 531 -23.07 -1.77 -2.59
CA VAL A 531 -21.73 -1.31 -2.31
C VAL A 531 -20.75 -2.15 -3.13
N LEU A 532 -19.95 -1.47 -3.93
CA LEU A 532 -18.95 -2.14 -4.75
C LEU A 532 -17.75 -2.55 -3.91
N LEU A 533 -17.02 -3.54 -4.40
CA LEU A 533 -15.89 -4.10 -3.70
C LEU A 533 -14.62 -3.94 -4.53
N THR A 534 -13.51 -3.72 -3.83
CA THR A 534 -12.19 -3.80 -4.42
C THR A 534 -11.44 -4.92 -3.71
N ASP A 535 -10.90 -5.86 -4.49
CA ASP A 535 -10.15 -6.98 -3.95
C ASP A 535 -8.70 -6.56 -3.73
N THR A 536 -8.26 -6.60 -2.48
CA THR A 536 -6.89 -6.27 -2.13
C THR A 536 -6.01 -7.50 -1.95
N THR A 537 -6.50 -8.68 -2.34
CA THR A 537 -5.75 -9.92 -2.13
C THR A 537 -4.38 -9.86 -2.78
N LEU A 538 -4.28 -9.18 -3.92
CA LEU A 538 -3.05 -9.19 -4.69
C LEU A 538 -2.02 -8.17 -4.20
N ARG A 539 -2.44 -7.14 -3.47
CA ARG A 539 -1.47 -6.19 -2.93
C ARG A 539 -1.49 -6.11 -1.40
N ASP A 540 -2.57 -5.61 -0.81
CA ASP A 540 -2.48 -5.19 0.58
C ASP A 540 -2.64 -6.35 1.54
N ALA A 541 -3.42 -7.37 1.16
CA ALA A 541 -3.58 -8.53 2.01
C ALA A 541 -2.24 -9.18 2.32
N HIS A 542 -1.44 -9.46 1.28
CA HIS A 542 -0.17 -10.11 1.53
C HIS A 542 0.93 -9.13 1.89
N GLN A 543 0.74 -7.83 1.64
CA GLN A 543 1.62 -6.86 2.29
C GLN A 543 1.48 -6.94 3.80
N SER A 544 0.26 -7.06 4.30
CA SER A 544 0.02 -7.13 5.74
C SER A 544 0.43 -8.47 6.31
N LEU A 545 0.06 -9.57 5.65
CA LEU A 545 0.20 -10.88 6.25
C LEU A 545 1.47 -11.61 5.87
N LEU A 546 1.83 -11.58 4.59
CA LEU A 546 2.93 -12.39 4.07
C LEU A 546 4.20 -11.58 3.84
N ALA A 547 4.30 -10.39 4.42
CA ALA A 547 5.43 -9.49 4.21
C ALA A 547 5.61 -9.18 2.72
N THR A 548 4.49 -9.04 2.03
CA THR A 548 4.48 -8.64 0.62
C THR A 548 5.19 -9.66 -0.27
N ARG A 549 5.24 -10.92 0.15
CA ARG A 549 6.04 -11.92 -0.54
C ARG A 549 5.27 -12.76 -1.55
N LEU A 550 3.97 -12.49 -1.74
CA LEU A 550 3.20 -13.31 -2.66
C LEU A 550 3.77 -13.21 -4.08
N ARG A 551 3.96 -14.35 -4.70
CA ARG A 551 4.68 -14.44 -5.96
C ARG A 551 3.72 -14.45 -7.15
N LEU A 552 4.23 -13.99 -8.29
CA LEU A 552 3.41 -13.95 -9.49
C LEU A 552 2.98 -15.35 -9.90
N GLN A 553 3.85 -16.34 -9.72
CA GLN A 553 3.50 -17.70 -10.10
C GLN A 553 2.24 -18.17 -9.36
N ASP A 554 2.08 -17.75 -8.11
CA ASP A 554 0.88 -18.11 -7.37
C ASP A 554 -0.32 -17.29 -7.81
N MET A 555 -0.12 -16.01 -8.12
CA MET A 555 -1.22 -15.17 -8.60
C MET A 555 -1.79 -15.71 -9.90
N LYS A 556 -0.92 -16.07 -10.84
CA LYS A 556 -1.37 -16.43 -12.18
C LYS A 556 -2.16 -17.73 -12.20
N GLY A 557 -2.05 -18.56 -11.16
CA GLY A 557 -2.86 -19.77 -11.12
C GLY A 557 -4.33 -19.51 -10.85
N ILE A 558 -4.68 -18.35 -10.30
CA ILE A 558 -6.06 -18.02 -9.95
C ILE A 558 -6.51 -16.70 -10.52
N ALA A 559 -5.65 -15.99 -11.26
CA ALA A 559 -6.02 -14.69 -11.79
C ALA A 559 -7.23 -14.78 -12.71
N GLN A 560 -7.23 -15.75 -13.62
CA GLN A 560 -8.36 -15.89 -14.54
C GLN A 560 -9.63 -16.24 -13.79
N ALA A 561 -9.53 -17.09 -12.76
CA ALA A 561 -10.69 -17.40 -11.95
C ALA A 561 -11.24 -16.16 -11.28
N ILE A 562 -10.38 -15.29 -10.77
CA ILE A 562 -10.87 -14.06 -10.16
C ILE A 562 -11.55 -13.18 -11.20
N ASP A 563 -10.90 -13.01 -12.35
CA ASP A 563 -11.41 -12.10 -13.38
C ASP A 563 -12.76 -12.59 -13.90
N GLN A 564 -12.89 -13.89 -14.15
CA GLN A 564 -14.12 -14.43 -14.72
C GLN A 564 -15.19 -14.67 -13.66
N GLY A 565 -14.80 -15.02 -12.45
CA GLY A 565 -15.74 -15.43 -11.43
C GLY A 565 -16.29 -14.30 -10.60
N LEU A 566 -15.56 -13.19 -10.56
CA LEU A 566 -15.98 -12.00 -9.81
C LEU A 566 -15.95 -10.77 -10.72
N PRO A 567 -16.80 -10.74 -11.75
CA PRO A 567 -16.90 -9.53 -12.57
C PRO A 567 -17.53 -8.36 -11.83
N GLU A 568 -18.23 -8.61 -10.74
CA GLU A 568 -18.83 -7.53 -9.96
C GLU A 568 -17.79 -6.64 -9.32
N LEU A 569 -16.59 -7.14 -9.12
CA LEU A 569 -15.55 -6.36 -8.44
C LEU A 569 -15.31 -5.05 -9.15
N PHE A 570 -15.31 -3.96 -8.39
CA PHE A 570 -14.96 -2.67 -8.96
C PHE A 570 -13.54 -2.68 -9.50
N SER A 571 -12.60 -3.23 -8.74
CA SER A 571 -11.22 -3.31 -9.16
C SER A 571 -10.52 -4.36 -8.32
N ALA A 572 -9.33 -4.73 -8.75
CA ALA A 572 -8.41 -5.55 -7.97
C ALA A 572 -7.17 -4.72 -7.73
N GLU A 573 -6.81 -4.54 -6.45
CA GLU A 573 -5.62 -3.78 -6.10
C GLU A 573 -4.45 -4.74 -6.18
N MET A 574 -3.65 -4.61 -7.23
CA MET A 574 -2.62 -5.60 -7.51
C MET A 574 -1.23 -4.97 -7.65
N TRP A 575 -1.09 -3.68 -7.40
CA TRP A 575 0.18 -3.01 -7.65
C TRP A 575 0.37 -1.89 -6.63
N GLY A 576 1.59 -1.35 -6.62
CA GLY A 576 1.90 -0.25 -5.74
C GLY A 576 2.25 -0.71 -4.34
N GLY A 577 2.20 0.25 -3.42
CA GLY A 577 2.60 -0.02 -2.05
C GLY A 577 4.04 -0.49 -2.00
N ALA A 578 4.28 -1.52 -1.19
CA ALA A 578 5.60 -2.12 -1.08
C ALA A 578 5.86 -3.19 -2.12
N THR A 579 4.85 -3.58 -2.90
CA THR A 579 5.03 -4.67 -3.86
C THR A 579 6.09 -4.34 -4.90
N PHE A 580 6.13 -3.08 -5.35
CA PHE A 580 7.10 -2.69 -6.36
C PHE A 580 8.52 -2.93 -5.89
N ASP A 581 8.84 -2.46 -4.69
CA ASP A 581 10.19 -2.67 -4.17
C ASP A 581 10.45 -4.13 -3.86
N VAL A 582 9.48 -4.81 -3.24
CA VAL A 582 9.70 -6.16 -2.76
C VAL A 582 9.92 -7.11 -3.93
N ALA A 583 9.11 -7.01 -4.99
CA ALA A 583 9.28 -7.90 -6.14
C ALA A 583 10.73 -7.94 -6.58
N TYR A 584 11.26 -6.78 -6.98
CA TYR A 584 12.68 -6.68 -7.33
C TYR A 584 13.57 -7.24 -6.23
N ARG A 585 13.51 -6.62 -5.04
CA ARG A 585 14.53 -6.85 -4.02
C ARG A 585 14.55 -8.30 -3.55
N PHE A 586 13.41 -8.83 -3.13
CA PHE A 586 13.37 -10.13 -2.49
C PHE A 586 12.83 -11.24 -3.36
N LEU A 587 12.00 -10.94 -4.36
CA LEU A 587 11.44 -11.99 -5.18
C LEU A 587 12.19 -12.19 -6.49
N ASN A 588 13.04 -11.25 -6.87
CA ASN A 588 13.78 -11.32 -8.13
C ASN A 588 12.84 -11.53 -9.31
N GLU A 589 11.72 -10.84 -9.28
CA GLU A 589 10.80 -10.77 -10.39
C GLU A 589 10.43 -9.30 -10.60
N SER A 590 10.27 -8.92 -11.84
CA SER A 590 9.98 -7.53 -12.13
C SER A 590 8.53 -7.21 -11.77
N PRO A 591 8.28 -6.11 -11.07
CA PRO A 591 6.88 -5.66 -10.92
C PRO A 591 6.20 -5.40 -12.24
N TRP A 592 6.92 -4.85 -13.22
CA TRP A 592 6.34 -4.60 -14.53
C TRP A 592 5.94 -5.89 -15.23
N TYR A 593 6.78 -6.92 -15.09
CA TYR A 593 6.44 -8.22 -15.63
C TYR A 593 5.18 -8.79 -14.99
N ARG A 594 5.07 -8.64 -13.67
CA ARG A 594 3.88 -9.09 -12.96
C ARG A 594 2.65 -8.36 -13.47
N LEU A 595 2.75 -7.04 -13.65
CA LEU A 595 1.63 -6.27 -14.16
C LEU A 595 1.23 -6.73 -15.56
N ARG A 596 2.22 -6.97 -16.44
CA ARG A 596 1.92 -7.39 -17.80
C ARG A 596 1.23 -8.75 -17.82
N LYS A 597 1.79 -9.73 -17.10
CA LYS A 597 1.20 -11.06 -17.09
C LYS A 597 -0.21 -11.03 -16.51
N LEU A 598 -0.39 -10.36 -15.38
CA LEU A 598 -1.71 -10.31 -14.78
C LEU A 598 -2.70 -9.58 -15.68
N ARG A 599 -2.27 -8.50 -16.33
CA ARG A 599 -3.16 -7.78 -17.23
C ARG A 599 -3.62 -8.67 -18.38
N LYS A 600 -2.70 -9.45 -18.96
CA LYS A 600 -3.10 -10.39 -19.99
C LYS A 600 -4.08 -11.42 -19.45
N LEU A 601 -3.82 -11.94 -18.24
CA LEU A 601 -4.67 -12.97 -17.67
C LEU A 601 -6.01 -12.43 -17.18
N MET A 602 -6.12 -11.13 -16.96
CA MET A 602 -7.24 -10.54 -16.22
C MET A 602 -7.80 -9.36 -17.01
N PRO A 603 -8.36 -9.63 -18.19
CA PRO A 603 -8.62 -8.54 -19.14
C PRO A 603 -9.86 -7.72 -18.84
N ASN A 604 -10.74 -8.17 -17.95
CA ASN A 604 -12.00 -7.50 -17.71
C ASN A 604 -12.11 -6.90 -16.32
N THR A 605 -11.04 -6.92 -15.53
CA THR A 605 -11.07 -6.39 -14.18
C THR A 605 -10.21 -5.13 -14.13
N MET A 606 -10.73 -4.09 -13.50
CA MET A 606 -9.97 -2.86 -13.37
C MET A 606 -8.81 -3.08 -12.42
N PHE A 607 -7.63 -2.61 -12.81
CA PHE A 607 -6.43 -2.77 -12.00
C PHE A 607 -6.21 -1.51 -11.20
N GLN A 608 -5.93 -1.67 -9.92
CA GLN A 608 -5.73 -0.55 -9.02
C GLN A 608 -4.32 -0.59 -8.45
N MET A 609 -3.69 0.57 -8.38
CA MET A 609 -2.38 0.70 -7.78
C MET A 609 -2.42 1.73 -6.66
N LEU A 610 -1.52 1.58 -5.72
CA LEU A 610 -1.33 2.56 -4.66
C LEU A 610 -0.17 3.45 -5.04
N PHE A 611 -0.43 4.75 -5.17
CA PHE A 611 0.51 5.74 -5.64
C PHE A 611 0.78 6.72 -4.51
N ARG A 612 2.04 6.91 -4.17
CA ARG A 612 2.42 7.77 -3.05
C ARG A 612 2.73 9.18 -3.52
N GLY A 613 1.70 9.84 -4.07
CA GLY A 613 1.76 11.26 -4.34
C GLY A 613 2.90 11.75 -5.19
N SER A 614 3.84 12.47 -4.58
CA SER A 614 4.98 13.03 -5.29
C SER A 614 6.14 12.05 -5.44
N ASN A 615 6.14 10.95 -4.70
CA ASN A 615 7.09 9.86 -4.92
C ASN A 615 6.40 8.56 -5.29
N ALA A 616 6.49 8.11 -6.53
CA ALA A 616 5.53 7.17 -7.12
C ALA A 616 5.51 5.88 -6.30
N VAL A 617 6.55 5.06 -6.33
CA VAL A 617 6.58 3.87 -5.50
C VAL A 617 7.87 3.83 -4.71
N GLY A 618 8.78 4.75 -5.01
CA GLY A 618 9.98 4.88 -4.22
C GLY A 618 9.71 5.51 -2.87
N TYR A 619 10.77 6.06 -2.28
CA TYR A 619 10.61 6.80 -1.03
C TYR A 619 11.02 8.25 -1.18
N GLN A 620 12.19 8.50 -1.78
CA GLN A 620 12.64 9.86 -1.95
C GLN A 620 11.74 10.60 -2.94
N ASN A 621 11.59 11.90 -2.72
CA ASN A 621 10.86 12.72 -3.66
C ASN A 621 11.60 12.78 -4.99
N TYR A 622 10.82 12.75 -6.08
CA TYR A 622 11.32 12.77 -7.44
C TYR A 622 10.82 14.02 -8.13
N PRO A 623 11.52 14.49 -9.17
CA PRO A 623 11.00 15.61 -9.95
C PRO A 623 9.70 15.23 -10.61
N ASP A 624 8.93 16.25 -10.99
CA ASP A 624 7.58 16.01 -11.47
C ASP A 624 7.58 15.19 -12.76
N ASN A 625 8.57 15.39 -13.62
CA ASN A 625 8.59 14.64 -14.88
C ASN A 625 8.78 13.15 -14.64
N VAL A 626 9.57 12.76 -13.63
CA VAL A 626 9.71 11.36 -13.30
C VAL A 626 8.35 10.78 -12.89
N ILE A 627 7.60 11.53 -12.08
CA ILE A 627 6.30 11.06 -11.63
C ILE A 627 5.32 10.94 -12.79
N GLU A 628 5.29 11.94 -13.66
CA GLU A 628 4.37 11.89 -14.79
C GLU A 628 4.72 10.78 -15.76
N GLU A 629 6.02 10.59 -16.02
CA GLU A 629 6.42 9.49 -16.89
C GLU A 629 6.08 8.15 -16.26
N PHE A 630 6.26 8.02 -14.94
CA PHE A 630 5.86 6.78 -14.29
C PHE A 630 4.37 6.55 -14.46
N ILE A 631 3.57 7.60 -14.29
CA ILE A 631 2.12 7.45 -14.41
C ILE A 631 1.73 7.04 -15.82
N ARG A 632 2.34 7.67 -16.82
CA ARG A 632 2.05 7.30 -18.20
C ARG A 632 2.43 5.85 -18.48
N VAL A 633 3.60 5.42 -18.02
CA VAL A 633 4.01 4.04 -18.28
C VAL A 633 3.11 3.06 -17.55
N ALA A 634 2.78 3.35 -16.29
CA ALA A 634 1.92 2.47 -15.53
C ALA A 634 0.53 2.37 -16.15
N ALA A 635 0.01 3.48 -16.67
CA ALA A 635 -1.30 3.47 -17.30
C ALA A 635 -1.26 2.74 -18.64
N HIS A 636 -0.16 2.89 -19.38
CA HIS A 636 -0.02 2.17 -20.64
C HIS A 636 0.09 0.67 -20.40
N GLU A 637 0.74 0.26 -19.32
CA GLU A 637 0.97 -1.15 -19.07
C GLU A 637 -0.17 -1.82 -18.33
N GLY A 638 -1.24 -1.11 -17.97
CA GLY A 638 -2.40 -1.78 -17.44
C GLY A 638 -3.12 -1.16 -16.26
N ILE A 639 -2.45 -0.32 -15.48
CA ILE A 639 -3.10 0.26 -14.30
C ILE A 639 -4.23 1.19 -14.73
N ASP A 640 -5.40 1.00 -14.15
CA ASP A 640 -6.58 1.81 -14.46
C ASP A 640 -6.90 2.83 -13.37
N VAL A 641 -6.85 2.40 -12.10
CA VAL A 641 -7.20 3.24 -10.97
C VAL A 641 -5.92 3.50 -10.19
N PHE A 642 -5.61 4.77 -9.98
CA PHE A 642 -4.48 5.19 -9.17
C PHE A 642 -5.04 5.75 -7.87
N ARG A 643 -4.89 5.02 -6.78
CA ARG A 643 -5.18 5.59 -5.47
C ARG A 643 -3.99 6.45 -5.08
N ILE A 644 -4.11 7.75 -5.30
CA ILE A 644 -3.03 8.69 -5.02
C ILE A 644 -3.21 9.22 -3.61
N PHE A 645 -2.16 9.14 -2.80
CA PHE A 645 -2.23 9.63 -1.43
C PHE A 645 -0.94 10.35 -1.09
N ASP A 646 -0.99 11.11 -0.01
CA ASP A 646 0.19 11.78 0.53
C ASP A 646 0.32 11.46 2.00
N SER A 647 1.57 11.35 2.47
CA SER A 647 1.83 10.89 3.82
C SER A 647 1.39 11.89 4.88
N LEU A 648 1.17 13.14 4.51
CA LEU A 648 0.76 14.16 5.46
C LEU A 648 -0.54 14.83 5.02
N ASN A 649 -1.28 14.23 4.09
CA ASN A 649 -2.52 14.80 3.57
C ASN A 649 -2.31 16.21 3.05
N TRP A 650 -1.24 16.40 2.29
CA TRP A 650 -0.84 17.70 1.79
C TRP A 650 -1.09 17.76 0.30
N LEU A 651 -1.98 18.66 -0.13
CA LEU A 651 -2.41 18.69 -1.52
C LEU A 651 -1.29 18.89 -2.54
N PRO A 652 -0.33 19.79 -2.36
CA PRO A 652 0.68 20.02 -3.40
C PRO A 652 1.45 18.78 -3.79
N GLN A 653 1.53 17.78 -2.92
CA GLN A 653 2.16 16.53 -3.31
C GLN A 653 1.23 15.63 -4.11
N MET A 654 -0.08 15.90 -4.11
CA MET A 654 -1.05 15.06 -4.80
C MET A 654 -1.45 15.57 -6.15
N GLU A 655 -1.59 16.90 -6.30
CA GLU A 655 -2.34 17.43 -7.44
C GLU A 655 -1.67 17.16 -8.78
N LYS A 656 -0.33 17.19 -8.84
CA LYS A 656 0.35 16.96 -10.10
C LYS A 656 0.11 15.54 -10.61
N SER A 657 0.23 14.56 -9.71
CA SER A 657 0.01 13.18 -10.13
C SER A 657 -1.46 12.92 -10.41
N ILE A 658 -2.37 13.61 -9.71
CA ILE A 658 -3.78 13.51 -10.04
C ILE A 658 -4.03 14.00 -11.47
N GLN A 659 -3.41 15.12 -11.82
CA GLN A 659 -3.55 15.64 -13.17
C GLN A 659 -2.95 14.69 -14.20
N ALA A 660 -1.82 14.07 -13.88
CA ALA A 660 -1.21 13.13 -14.80
C ALA A 660 -2.11 11.92 -15.04
N VAL A 661 -2.75 11.42 -13.98
CA VAL A 661 -3.68 10.31 -14.14
C VAL A 661 -4.86 10.73 -15.00
N ARG A 662 -5.38 11.94 -14.79
CA ARG A 662 -6.47 12.42 -15.63
C ARG A 662 -6.04 12.50 -17.08
N ASP A 663 -4.81 12.97 -17.33
CA ASP A 663 -4.34 13.15 -18.70
C ASP A 663 -4.13 11.83 -19.40
N ASN A 664 -3.70 10.79 -18.67
CA ASN A 664 -3.54 9.49 -19.30
C ASN A 664 -4.87 8.73 -19.45
N GLY A 665 -6.00 9.39 -19.22
CA GLY A 665 -7.29 8.78 -19.42
C GLY A 665 -7.72 7.78 -18.37
N LYS A 666 -7.04 7.74 -17.24
CA LYS A 666 -7.32 6.76 -16.21
C LYS A 666 -8.18 7.38 -15.12
N ILE A 667 -8.46 6.60 -14.08
CA ILE A 667 -9.26 7.06 -12.95
C ILE A 667 -8.33 7.52 -11.85
N ALA A 668 -8.58 8.71 -11.31
CA ALA A 668 -7.79 9.28 -10.23
C ALA A 668 -8.57 9.15 -8.93
N GLU A 669 -7.99 8.47 -7.96
CA GLU A 669 -8.55 8.35 -6.62
C GLU A 669 -7.72 9.22 -5.70
N ALA A 670 -8.27 10.37 -5.32
CA ALA A 670 -7.60 11.23 -4.36
C ALA A 670 -7.89 10.74 -2.95
N THR A 671 -6.85 10.56 -2.17
CA THR A 671 -6.96 9.87 -0.90
C THR A 671 -6.75 10.81 0.26
N ILE A 672 -7.62 10.70 1.26
CA ILE A 672 -7.45 11.33 2.57
C ILE A 672 -7.09 10.23 3.56
N CYS A 673 -5.91 10.33 4.15
CA CYS A 673 -5.52 9.39 5.18
C CYS A 673 -6.23 9.74 6.48
N TYR A 674 -6.94 8.78 7.05
CA TYR A 674 -7.63 9.00 8.31
C TYR A 674 -6.69 8.72 9.46
N THR A 675 -6.75 9.58 10.47
CA THR A 675 -5.96 9.43 11.67
C THR A 675 -6.70 10.10 12.83
N GLY A 676 -6.33 9.71 14.04
CA GLY A 676 -7.01 10.24 15.21
C GLY A 676 -8.42 9.69 15.33
N ASP A 677 -9.29 10.50 15.93
CA ASP A 677 -10.66 10.07 16.19
C ASP A 677 -11.55 11.30 16.12
N ILE A 678 -12.38 11.37 15.07
CA ILE A 678 -13.22 12.54 14.87
C ILE A 678 -14.31 12.66 15.92
N LEU A 679 -14.61 11.58 16.64
CA LEU A 679 -15.66 11.59 17.65
C LEU A 679 -15.11 11.74 19.04
N ASP A 680 -13.81 11.98 19.18
CA ASP A 680 -13.19 12.28 20.46
C ASP A 680 -12.79 13.74 20.49
N PRO A 681 -13.43 14.57 21.32
CA PRO A 681 -13.14 16.02 21.27
C PRO A 681 -11.81 16.41 21.86
N SER A 682 -11.11 15.50 22.52
CA SER A 682 -9.79 15.81 23.06
C SER A 682 -8.71 15.84 21.97
N ARG A 683 -9.04 15.50 20.74
CA ARG A 683 -8.10 15.53 19.62
C ARG A 683 -8.71 16.34 18.49
N PRO A 684 -8.76 17.66 18.63
CA PRO A 684 -9.44 18.49 17.64
C PRO A 684 -8.62 18.79 16.40
N LYS A 685 -7.36 18.39 16.34
CA LYS A 685 -6.56 18.66 15.16
C LYS A 685 -7.15 18.00 13.93
N TYR A 686 -7.38 16.70 14.00
CA TYR A 686 -8.05 15.97 12.92
C TYR A 686 -9.52 15.76 13.27
N ASN A 687 -10.23 16.87 13.41
CA ASN A 687 -11.66 16.83 13.61
C ASN A 687 -12.36 16.63 12.28
N ILE A 688 -13.69 16.53 12.32
CA ILE A 688 -14.42 16.20 11.10
C ILE A 688 -14.36 17.34 10.10
N GLN A 689 -14.32 18.59 10.58
CA GLN A 689 -14.26 19.74 9.68
C GLN A 689 -12.99 19.72 8.86
N TYR A 690 -11.88 19.27 9.44
CA TYR A 690 -10.65 19.13 8.69
C TYR A 690 -10.84 18.16 7.53
N TYR A 691 -11.49 17.03 7.78
CA TYR A 691 -11.73 16.07 6.72
C TYR A 691 -12.62 16.64 5.64
N LYS A 692 -13.66 17.41 6.04
CA LYS A 692 -14.55 18.00 5.06
C LYS A 692 -13.84 19.03 4.19
N ASP A 693 -13.00 19.87 4.79
CA ASP A 693 -12.26 20.86 4.02
C ASP A 693 -11.28 20.20 3.06
N LEU A 694 -10.55 19.19 3.56
CA LEU A 694 -9.63 18.47 2.71
C LEU A 694 -10.35 17.78 1.57
N ALA A 695 -11.54 17.24 1.84
CA ALA A 695 -12.34 16.62 0.80
C ALA A 695 -12.78 17.63 -0.24
N LYS A 696 -13.24 18.80 0.20
CA LYS A 696 -13.66 19.83 -0.75
C LYS A 696 -12.52 20.22 -1.67
N GLU A 697 -11.34 20.42 -1.09
CA GLU A 697 -10.21 20.84 -1.90
C GLU A 697 -9.75 19.71 -2.81
N LEU A 698 -9.83 18.46 -2.34
CA LEU A 698 -9.52 17.32 -3.20
C LEU A 698 -10.46 17.25 -4.40
N GLU A 699 -11.75 17.45 -4.16
CA GLU A 699 -12.71 17.48 -5.25
C GLU A 699 -12.43 18.65 -6.19
N ALA A 700 -11.81 19.71 -5.68
CA ALA A 700 -11.43 20.81 -6.55
C ALA A 700 -10.32 20.47 -7.54
N THR A 701 -9.63 19.35 -7.38
CA THR A 701 -8.53 19.01 -8.29
C THR A 701 -8.97 18.11 -9.45
N GLY A 702 -10.25 17.78 -9.56
CA GLY A 702 -10.71 16.94 -10.64
C GLY A 702 -10.55 15.46 -10.43
N ALA A 703 -10.19 15.03 -9.24
CA ALA A 703 -10.10 13.60 -8.95
C ALA A 703 -11.44 12.93 -9.17
N HIS A 704 -11.40 11.73 -9.77
CA HIS A 704 -12.63 11.02 -10.10
C HIS A 704 -13.29 10.43 -8.87
N ILE A 705 -12.51 9.90 -7.94
CA ILE A 705 -13.04 9.25 -6.75
C ILE A 705 -12.31 9.80 -5.55
N LEU A 706 -12.98 9.78 -4.40
CA LEU A 706 -12.40 10.17 -3.12
C LEU A 706 -12.25 8.93 -2.26
N ALA A 707 -11.02 8.60 -1.89
CA ALA A 707 -10.73 7.45 -1.06
C ALA A 707 -10.40 7.89 0.35
N VAL A 708 -10.79 7.08 1.31
CA VAL A 708 -10.55 7.38 2.71
C VAL A 708 -9.75 6.27 3.36
N KCX A 709 -8.36 6.40 3.09
CA KCX A 709 -7.40 5.43 3.55
CB KCX A 709 -6.04 5.68 2.94
CG KCX A 709 -5.05 4.59 3.16
CD KCX A 709 -3.67 5.09 2.79
CE KCX A 709 -2.66 4.02 3.00
NZ KCX A 709 -2.84 2.93 2.02
C KCX A 709 -7.27 5.40 5.07
O KCX A 709 -6.82 6.36 5.68
CX KCX A 709 -3.20 1.71 2.38
OQ1 KCX A 709 -3.34 0.86 1.52
OQ2 KCX A 709 -3.43 1.41 3.56
N ASP A 710 -7.66 4.29 5.66
CA ASP A 710 -7.49 4.07 7.07
C ASP A 710 -6.39 3.05 7.24
N MET A 711 -5.15 3.55 7.20
CA MET A 711 -3.98 2.68 7.12
C MET A 711 -3.78 1.86 8.39
N ALA A 712 -4.17 2.39 9.54
CA ALA A 712 -4.00 1.69 10.80
C ALA A 712 -5.27 1.03 11.32
N GLY A 713 -6.38 1.13 10.59
CA GLY A 713 -7.64 0.65 11.11
C GLY A 713 -8.16 1.44 12.30
N LEU A 714 -7.87 2.74 12.36
CA LEU A 714 -8.31 3.59 13.45
C LEU A 714 -9.78 3.99 13.33
N LEU A 715 -10.35 3.92 12.13
CA LEU A 715 -11.72 4.33 11.93
C LEU A 715 -12.68 3.35 12.60
N LYS A 716 -13.47 3.85 13.51
CA LYS A 716 -14.36 3.06 14.34
C LYS A 716 -15.79 3.17 13.83
N PRO A 717 -16.65 2.18 14.14
CA PRO A 717 -17.93 2.08 13.43
C PRO A 717 -18.81 3.32 13.51
N GLN A 718 -18.87 3.97 14.67
CA GLN A 718 -19.70 5.17 14.77
C GLN A 718 -19.06 6.37 14.10
N ALA A 719 -17.73 6.44 14.10
CA ALA A 719 -17.04 7.50 13.37
C ALA A 719 -17.17 7.31 11.86
N ALA A 720 -17.05 6.06 11.40
CA ALA A 720 -17.13 5.79 9.96
C ALA A 720 -18.48 6.22 9.40
N TYR A 721 -19.56 5.87 10.09
CA TYR A 721 -20.88 6.30 9.65
C TYR A 721 -20.99 7.82 9.66
N ARG A 722 -20.50 8.44 10.73
CA ARG A 722 -20.54 9.90 10.79
C ARG A 722 -19.64 10.50 9.72
N LEU A 723 -18.44 9.96 9.56
CA LEU A 723 -17.47 10.57 8.65
C LEU A 723 -17.91 10.45 7.20
N ILE A 724 -18.35 9.26 6.79
CA ILE A 724 -18.75 9.07 5.40
C ILE A 724 -19.94 9.97 5.08
N SER A 725 -20.90 10.05 5.99
CA SER A 725 -22.10 10.86 5.73
C SER A 725 -21.77 12.34 5.61
N GLU A 726 -20.89 12.86 6.47
CA GLU A 726 -20.50 14.26 6.35
C GLU A 726 -19.72 14.52 5.08
N LEU A 727 -18.82 13.61 4.71
CA LEU A 727 -18.15 13.73 3.42
C LEU A 727 -19.14 13.59 2.28
N LYS A 728 -20.15 12.74 2.47
CA LYS A 728 -21.08 12.44 1.39
C LYS A 728 -21.86 13.68 0.96
N ASP A 729 -22.27 14.52 1.91
CA ASP A 729 -22.97 15.75 1.58
C ASP A 729 -22.04 16.96 1.47
N THR A 730 -20.73 16.74 1.60
CA THR A 730 -19.78 17.83 1.35
C THR A 730 -19.28 17.84 -0.08
N VAL A 731 -18.94 16.67 -0.62
CA VAL A 731 -18.46 16.56 -1.99
C VAL A 731 -19.44 15.69 -2.76
N ASP A 732 -19.19 15.55 -4.07
CA ASP A 732 -20.00 14.69 -4.92
C ASP A 732 -19.25 13.50 -5.47
N LEU A 733 -17.96 13.39 -5.22
CA LEU A 733 -17.22 12.22 -5.65
C LEU A 733 -17.76 10.98 -4.96
N PRO A 734 -17.79 9.84 -5.64
CA PRO A 734 -18.03 8.58 -4.93
C PRO A 734 -16.91 8.33 -3.94
N ILE A 735 -17.24 7.66 -2.84
CA ILE A 735 -16.30 7.47 -1.75
C ILE A 735 -15.84 6.02 -1.71
N HIS A 736 -14.53 5.84 -1.64
CA HIS A 736 -13.89 4.53 -1.57
C HIS A 736 -13.29 4.40 -0.18
N LEU A 737 -13.71 3.41 0.57
CA LEU A 737 -13.25 3.24 1.94
C LEU A 737 -12.25 2.09 2.01
N HIS A 738 -11.10 2.37 2.60
CA HIS A 738 -10.05 1.38 2.81
C HIS A 738 -9.76 1.33 4.30
N THR A 739 -9.97 0.17 4.89
CA THR A 739 -9.72 -0.01 6.31
C THR A 739 -8.99 -1.33 6.53
N HIS A 740 -8.27 -1.41 7.64
CA HIS A 740 -7.59 -2.62 8.06
C HIS A 740 -8.30 -3.18 9.29
N ASP A 741 -8.36 -4.51 9.38
CA ASP A 741 -9.10 -5.19 10.43
C ASP A 741 -8.28 -5.42 11.68
N THR A 742 -7.29 -4.57 11.94
CA THR A 742 -6.35 -4.81 13.04
C THR A 742 -7.08 -4.88 14.37
N SER A 743 -8.05 -4.00 14.61
CA SER A 743 -8.76 -3.99 15.87
C SER A 743 -9.90 -5.01 15.93
N GLY A 744 -10.18 -5.70 14.84
CA GLY A 744 -11.31 -6.62 14.81
C GLY A 744 -12.64 -5.97 14.51
N ASN A 745 -12.66 -4.69 14.17
CA ASN A 745 -13.90 -3.96 13.91
C ASN A 745 -14.03 -3.57 12.45
N GLY A 746 -13.26 -4.19 11.56
CA GLY A 746 -13.29 -3.78 10.16
C GLY A 746 -14.63 -4.00 9.51
N ILE A 747 -15.25 -5.15 9.79
CA ILE A 747 -16.53 -5.49 9.17
C ILE A 747 -17.62 -4.52 9.64
N ILE A 748 -17.66 -4.23 10.93
CA ILE A 748 -18.70 -3.34 11.43
C ILE A 748 -18.44 -1.90 10.98
N THR A 749 -17.17 -1.51 10.84
CA THR A 749 -16.86 -0.22 10.26
C THR A 749 -17.35 -0.12 8.83
N TYR A 750 -17.08 -1.15 8.01
CA TYR A 750 -17.54 -1.16 6.62
C TYR A 750 -19.06 -1.18 6.57
N SER A 751 -19.70 -1.94 7.45
CA SER A 751 -21.15 -1.92 7.52
C SER A 751 -21.66 -0.54 7.92
N GLY A 752 -20.95 0.14 8.81
CA GLY A 752 -21.35 1.48 9.19
C GLY A 752 -21.20 2.48 8.07
N ALA A 753 -20.13 2.34 7.28
CA ALA A 753 -19.96 3.20 6.12
C ALA A 753 -20.99 2.90 5.04
N THR A 754 -21.38 1.64 4.91
CA THR A 754 -22.39 1.28 3.91
C THR A 754 -23.71 1.96 4.21
N GLN A 755 -24.07 2.08 5.49
CA GLN A 755 -25.26 2.83 5.85
C GLN A 755 -25.12 4.30 5.50
N ALA A 756 -23.94 4.87 5.73
CA ALA A 756 -23.71 6.26 5.39
C ALA A 756 -23.70 6.48 3.88
N GLY A 757 -23.48 5.44 3.10
CA GLY A 757 -23.59 5.55 1.66
C GLY A 757 -22.27 5.51 0.93
N VAL A 758 -21.28 4.82 1.48
CA VAL A 758 -20.01 4.66 0.78
C VAL A 758 -20.25 3.87 -0.49
N ASP A 759 -19.38 4.06 -1.48
CA ASP A 759 -19.57 3.42 -2.77
C ASP A 759 -18.75 2.15 -2.91
N ILE A 760 -17.47 2.20 -2.57
CA ILE A 760 -16.56 1.08 -2.74
C ILE A 760 -15.85 0.83 -1.41
N ILE A 761 -15.66 -0.43 -1.07
CA ILE A 761 -14.94 -0.82 0.13
C ILE A 761 -13.86 -1.83 -0.25
N ASP A 762 -12.71 -1.74 0.42
CA ASP A 762 -11.58 -2.61 0.15
C ASP A 762 -11.68 -3.87 1.00
N VAL A 763 -11.68 -5.02 0.36
CA VAL A 763 -11.78 -6.30 1.05
C VAL A 763 -10.75 -7.26 0.48
N ALA A 764 -10.44 -8.29 1.27
CA ALA A 764 -9.54 -9.34 0.86
C ALA A 764 -10.25 -10.67 0.94
N THR A 765 -9.74 -11.64 0.20
CA THR A 765 -10.30 -12.99 0.30
C THR A 765 -10.08 -13.53 1.70
N ALA A 766 -10.99 -14.39 2.14
CA ALA A 766 -11.04 -14.82 3.53
C ALA A 766 -9.68 -15.35 4.01
N SER A 767 -8.98 -16.09 3.17
CA SER A 767 -7.74 -16.73 3.60
C SER A 767 -6.63 -15.72 3.87
N LEU A 768 -6.67 -14.57 3.22
CA LEU A 768 -5.70 -13.51 3.44
C LEU A 768 -6.36 -12.27 4.03
N ALA A 769 -7.32 -12.48 4.93
CA ALA A 769 -8.14 -11.42 5.49
C ALA A 769 -8.07 -11.46 7.01
N GLY A 770 -8.57 -10.40 7.63
CA GLY A 770 -8.54 -10.29 9.07
C GLY A 770 -7.15 -9.93 9.56
N GLY A 771 -7.06 -9.74 10.87
CA GLY A 771 -5.79 -9.30 11.44
C GLY A 771 -5.41 -7.96 10.85
N THR A 772 -4.17 -7.83 10.43
CA THR A 772 -3.72 -6.57 9.87
C THR A 772 -4.13 -6.35 8.43
N SER A 773 -4.76 -7.35 7.80
CA SER A 773 -5.22 -7.23 6.42
C SER A 773 -6.57 -6.53 6.37
N GLN A 774 -7.23 -6.57 5.22
CA GLN A 774 -8.56 -6.01 5.04
C GLN A 774 -9.61 -6.95 5.65
N PRO A 775 -10.82 -6.45 5.88
CA PRO A 775 -11.91 -7.35 6.27
C PRO A 775 -12.25 -8.29 5.11
N SER A 776 -12.79 -9.45 5.48
CA SER A 776 -12.98 -10.51 4.51
C SER A 776 -13.98 -10.12 3.42
N MET A 777 -13.65 -10.47 2.17
CA MET A 777 -14.61 -10.33 1.08
C MET A 777 -15.85 -11.17 1.33
N GLN A 778 -15.67 -12.40 1.80
CA GLN A 778 -16.81 -13.30 1.98
C GLN A 778 -17.65 -12.89 3.17
N SER A 779 -17.01 -12.47 4.26
CA SER A 779 -17.77 -12.14 5.46
C SER A 779 -18.58 -10.86 5.28
N ILE A 780 -18.08 -9.88 4.52
CA ILE A 780 -18.82 -8.64 4.35
C ILE A 780 -20.11 -8.88 3.57
N TYR A 781 -20.08 -9.82 2.63
CA TYR A 781 -21.29 -10.15 1.90
C TYR A 781 -22.41 -10.60 2.84
N TYR A 782 -22.11 -11.57 3.71
CA TYR A 782 -23.10 -12.10 4.63
C TYR A 782 -23.46 -11.08 5.70
N ALA A 783 -22.54 -10.19 6.04
CA ALA A 783 -22.84 -9.12 6.98
C ALA A 783 -23.89 -8.16 6.42
N LEU A 784 -24.11 -8.15 5.11
CA LEU A 784 -25.05 -7.23 4.48
C LEU A 784 -26.14 -7.95 3.70
N GLU A 785 -26.34 -9.24 3.91
CA GLU A 785 -27.09 -10.03 2.93
C GLU A 785 -28.56 -9.63 2.84
N HIS A 786 -29.18 -9.25 3.95
CA HIS A 786 -30.58 -8.88 3.94
C HIS A 786 -30.81 -7.44 4.38
N GLY A 787 -29.77 -6.60 4.34
CA GLY A 787 -29.90 -5.21 4.67
C GLY A 787 -30.31 -4.38 3.48
N PRO A 788 -30.49 -3.07 3.70
CA PRO A 788 -30.90 -2.20 2.59
C PRO A 788 -29.90 -2.16 1.44
N ARG A 789 -28.61 -2.23 1.74
CA ARG A 789 -27.58 -2.22 0.70
C ARG A 789 -26.81 -3.53 0.76
N HIS A 790 -26.65 -4.15 -0.40
CA HIS A 790 -25.93 -5.41 -0.51
C HIS A 790 -24.54 -5.20 -1.08
N ALA A 791 -23.70 -6.21 -0.90
CA ALA A 791 -22.42 -6.24 -1.55
C ALA A 791 -22.58 -6.77 -2.97
N SER A 792 -21.94 -6.10 -3.92
CA SER A 792 -21.92 -6.56 -5.30
C SER A 792 -20.78 -7.56 -5.44
N ILE A 793 -21.10 -8.85 -5.31
CA ILE A 793 -20.12 -9.91 -5.44
C ILE A 793 -20.87 -11.22 -5.63
N ASN A 794 -20.24 -12.15 -6.34
CA ASN A 794 -20.71 -13.52 -6.41
C ASN A 794 -20.04 -14.28 -5.27
N VAL A 795 -20.78 -14.47 -4.17
CA VAL A 795 -20.15 -14.97 -2.95
C VAL A 795 -19.79 -16.43 -3.07
N LYS A 796 -20.59 -17.22 -3.82
CA LYS A 796 -20.27 -18.62 -4.03
C LYS A 796 -18.99 -18.77 -4.84
N ASN A 797 -18.82 -17.95 -5.87
CA ASN A 797 -17.58 -17.96 -6.62
C ASN A 797 -16.42 -17.49 -5.76
N ALA A 798 -16.66 -16.51 -4.90
CA ALA A 798 -15.61 -16.03 -4.00
C ALA A 798 -15.18 -17.12 -3.03
N GLU A 799 -16.14 -17.87 -2.49
CA GLU A 799 -15.79 -18.95 -1.58
C GLU A 799 -14.97 -20.03 -2.27
N GLN A 800 -15.23 -20.27 -3.55
CA GLN A 800 -14.45 -21.26 -4.30
C GLN A 800 -13.04 -20.75 -4.55
N ILE A 801 -12.91 -19.49 -4.95
CA ILE A 801 -11.59 -18.90 -5.16
C ILE A 801 -10.80 -18.91 -3.88
N ASP A 802 -11.47 -18.69 -2.75
CA ASP A 802 -10.81 -18.67 -1.45
C ASP A 802 -10.14 -20.01 -1.14
N HIS A 803 -10.62 -21.11 -1.71
CA HIS A 803 -9.97 -22.39 -1.50
C HIS A 803 -8.57 -22.40 -2.09
N TYR A 804 -8.39 -21.77 -3.26
CA TYR A 804 -7.07 -21.68 -3.86
C TYR A 804 -6.11 -20.88 -2.98
N TRP A 805 -6.59 -19.77 -2.41
CA TRP A 805 -5.73 -18.91 -1.61
C TRP A 805 -5.38 -19.56 -0.27
N GLU A 806 -6.30 -20.32 0.29
CA GLU A 806 -6.01 -21.06 1.50
C GLU A 806 -4.82 -22.00 1.29
N ASP A 807 -4.79 -22.68 0.15
CA ASP A 807 -3.74 -23.66 -0.10
C ASP A 807 -2.40 -23.02 -0.41
N VAL A 808 -2.38 -21.96 -1.23
CA VAL A 808 -1.09 -21.38 -1.60
C VAL A 808 -0.48 -20.57 -0.47
N ARG A 809 -1.29 -20.15 0.51
CA ARG A 809 -0.74 -19.47 1.66
C ARG A 809 0.19 -20.38 2.45
N LYS A 810 -0.02 -21.70 2.37
CA LYS A 810 0.83 -22.63 3.09
C LYS A 810 2.27 -22.61 2.58
N TYR A 811 2.48 -22.22 1.31
CA TYR A 811 3.84 -22.10 0.80
C TYR A 811 4.60 -20.95 1.46
N TYR A 812 3.88 -20.00 2.07
CA TYR A 812 4.49 -18.81 2.63
C TYR A 812 4.57 -18.87 4.14
N ALA A 813 4.67 -20.07 4.71
CA ALA A 813 4.85 -20.22 6.14
C ALA A 813 6.07 -19.49 6.69
N PRO A 814 7.24 -19.50 6.04
CA PRO A 814 8.38 -18.78 6.61
C PRO A 814 8.15 -17.29 6.79
N PHE A 815 7.16 -16.71 6.11
CA PHE A 815 6.90 -15.28 6.21
C PHE A 815 5.72 -14.93 7.10
N GLU A 816 5.06 -15.93 7.71
CA GLU A 816 3.91 -15.65 8.55
C GLU A 816 4.32 -14.97 9.85
N ALA A 817 3.48 -14.06 10.33
CA ALA A 817 3.80 -13.30 11.52
C ALA A 817 3.68 -14.14 12.79
N GLY A 818 2.62 -14.94 12.90
CA GLY A 818 2.39 -15.76 14.06
C GLY A 818 0.94 -15.68 14.50
N ILE A 819 0.69 -16.07 15.75
CA ILE A 819 -0.66 -16.12 16.27
C ILE A 819 -1.24 -14.72 16.27
N THR A 820 -2.35 -14.52 15.57
CA THR A 820 -2.93 -13.20 15.38
C THR A 820 -4.33 -13.18 15.97
N SER A 821 -4.56 -12.23 16.86
CA SER A 821 -5.85 -11.97 17.47
C SER A 821 -6.12 -10.49 17.33
N PRO A 822 -7.39 -10.08 17.37
CA PRO A 822 -7.70 -8.65 17.26
C PRO A 822 -6.99 -7.86 18.36
N GLN A 823 -6.42 -6.72 17.99
CA GLN A 823 -5.71 -5.90 18.96
C GLN A 823 -6.21 -4.47 18.85
N THR A 824 -6.81 -3.99 19.94
CA THR A 824 -7.27 -2.62 20.05
C THR A 824 -6.21 -1.68 20.59
N GLU A 825 -5.02 -2.19 20.89
CA GLU A 825 -3.91 -1.31 21.24
C GLU A 825 -3.58 -0.36 20.11
N VAL A 826 -3.93 -0.71 18.88
CA VAL A 826 -3.67 0.14 17.73
C VAL A 826 -4.43 1.47 17.85
N TYR A 827 -5.52 1.50 18.60
CA TYR A 827 -6.20 2.77 18.85
C TYR A 827 -5.30 3.73 19.63
N MET A 828 -4.36 3.21 20.41
CA MET A 828 -3.43 4.05 21.16
C MET A 828 -2.17 4.33 20.36
N HIS A 829 -1.48 3.30 19.91
CA HIS A 829 -0.34 3.46 19.01
C HIS A 829 -0.84 3.27 17.59
N GLU A 830 -1.07 4.38 16.90
CA GLU A 830 -1.67 4.27 15.58
C GLU A 830 -0.64 3.88 14.54
N MET A 831 0.11 2.85 14.83
CA MET A 831 1.11 2.46 13.85
C MET A 831 0.53 1.43 12.90
N PRO A 832 0.68 1.61 11.59
CA PRO A 832 0.09 0.65 10.66
C PRO A 832 0.76 -0.70 10.81
N GLY A 833 0.08 -1.73 10.30
CA GLY A 833 0.57 -3.08 10.49
C GLY A 833 1.97 -3.28 9.96
N GLY A 834 2.26 -2.74 8.78
CA GLY A 834 3.60 -2.83 8.25
C GLY A 834 4.63 -2.19 9.15
N GLN A 835 4.34 -0.98 9.63
CA GLN A 835 5.21 -0.34 10.60
C GLN A 835 5.27 -1.13 11.90
N TYR A 836 4.24 -1.93 12.18
CA TYR A 836 4.27 -2.76 13.37
C TYR A 836 5.27 -3.89 13.25
N THR A 837 5.26 -4.60 12.13
CA THR A 837 6.22 -5.68 11.92
C THR A 837 7.64 -5.14 11.85
N ASN A 838 7.83 -4.00 11.18
CA ASN A 838 9.16 -3.42 11.11
C ASN A 838 9.69 -3.03 12.47
N LEU A 839 8.81 -2.80 13.44
CA LEU A 839 9.30 -2.52 14.78
C LEU A 839 9.49 -3.81 15.59
N LYS A 840 8.71 -4.85 15.28
CA LYS A 840 9.07 -6.17 15.75
C LYS A 840 10.41 -6.62 15.21
N SER A 841 10.67 -6.39 13.93
CA SER A 841 11.87 -6.91 13.26
C SER A 841 13.11 -6.08 13.58
N GLN A 842 12.94 -4.86 14.08
CA GLN A 842 14.09 -4.02 14.32
C GLN A 842 14.12 -3.45 15.73
N ALA A 843 13.48 -4.14 16.67
CA ALA A 843 13.69 -3.86 18.09
C ALA A 843 14.30 -5.07 18.76
N ALA A 844 13.67 -6.22 18.58
CA ALA A 844 14.22 -7.46 19.11
C ALA A 844 15.56 -7.79 18.46
N ALA A 845 15.66 -7.58 17.14
CA ALA A 845 16.88 -7.91 16.43
C ALA A 845 18.06 -7.10 16.95
N VAL A 846 17.80 -5.94 17.54
CA VAL A 846 18.84 -5.10 18.11
C VAL A 846 18.76 -5.19 19.64
N GLY A 847 18.09 -6.22 20.14
CA GLY A 847 18.16 -6.53 21.55
C GLY A 847 17.14 -5.86 22.44
N LEU A 848 16.04 -5.36 21.88
CA LEU A 848 15.01 -4.69 22.67
C LEU A 848 13.65 -5.34 22.56
N GLY A 849 13.57 -6.63 22.21
CA GLY A 849 12.29 -7.27 22.03
C GLY A 849 11.43 -7.27 23.28
N HIS A 850 12.07 -7.34 24.45
CA HIS A 850 11.34 -7.29 25.71
C HIS A 850 10.60 -5.98 25.86
N ARG A 851 11.25 -4.88 25.50
CA ARG A 851 10.72 -3.54 25.69
C ARG A 851 9.78 -3.11 24.57
N PHE A 852 9.45 -3.99 23.63
CA PHE A 852 8.60 -3.59 22.52
C PHE A 852 7.24 -3.09 22.98
N ASP A 853 6.76 -3.54 24.12
CA ASP A 853 5.46 -3.10 24.58
C ASP A 853 5.50 -1.70 25.19
N GLU A 854 6.70 -1.15 25.42
CA GLU A 854 6.82 0.23 25.84
C GLU A 854 7.40 1.14 24.78
N ILE A 855 8.13 0.60 23.80
CA ILE A 855 8.45 1.40 22.62
C ILE A 855 7.17 1.71 21.85
N LYS A 856 6.17 0.83 21.95
CA LYS A 856 4.84 1.17 21.45
C LYS A 856 4.28 2.38 22.18
N GLN A 857 4.49 2.44 23.49
CA GLN A 857 4.14 3.66 24.22
C GLN A 857 5.03 4.82 23.81
N MET A 858 6.32 4.54 23.58
CA MET A 858 7.21 5.57 23.07
C MET A 858 6.74 6.06 21.71
N TYR A 859 6.34 5.13 20.84
CA TYR A 859 5.78 5.50 19.55
C TYR A 859 4.61 6.46 19.72
N ARG A 860 3.77 6.22 20.72
CA ARG A 860 2.67 7.14 21.00
C ARG A 860 3.20 8.51 21.44
N LYS A 861 4.28 8.52 22.22
CA LYS A 861 4.79 9.78 22.76
C LYS A 861 5.41 10.63 21.66
N VAL A 862 6.27 10.03 20.84
CA VAL A 862 7.01 10.83 19.86
C VAL A 862 6.07 11.35 18.77
N ASN A 863 4.94 10.66 18.54
CA ASN A 863 3.95 11.21 17.63
C ASN A 863 3.41 12.53 18.16
N MET A 864 3.08 12.57 19.45
CA MET A 864 2.55 13.78 20.04
C MET A 864 3.60 14.90 20.03
N MET A 865 4.86 14.57 20.34
CA MET A 865 5.88 15.60 20.32
C MET A 865 6.19 16.03 18.89
N PHE A 866 5.98 15.16 17.91
CA PHE A 866 6.13 15.54 16.52
C PHE A 866 5.00 16.35 16.03
N GLY A 867 4.09 16.77 16.90
CA GLY A 867 2.96 17.56 16.48
C GLY A 867 1.75 16.76 16.06
N ASP A 868 1.67 15.48 16.42
CA ASP A 868 0.51 14.63 16.13
C ASP A 868 0.26 14.53 14.63
N ILE A 869 1.17 13.82 13.97
CA ILE A 869 1.22 13.76 12.53
C ILE A 869 0.47 12.52 12.02
N ILE A 870 0.19 12.51 10.72
CA ILE A 870 -0.35 11.34 10.04
C ILE A 870 0.77 10.31 9.88
N LYS A 871 0.52 9.08 10.30
CA LYS A 871 1.53 8.03 10.31
C LYS A 871 1.20 6.99 9.25
N VAL A 872 1.66 7.25 8.03
CA VAL A 872 1.58 6.32 6.92
C VAL A 872 2.92 6.41 6.20
N THR A 873 3.18 5.46 5.33
CA THR A 873 4.50 5.42 4.69
C THR A 873 4.70 6.67 3.83
N PRO A 874 5.89 7.28 3.88
CA PRO A 874 6.98 6.90 4.77
C PRO A 874 7.05 7.71 6.06
N SER A 875 5.98 8.44 6.40
CA SER A 875 6.01 9.22 7.62
C SER A 875 5.92 8.33 8.86
N SER A 876 5.30 7.16 8.75
CA SER A 876 5.28 6.24 9.89
C SER A 876 6.67 5.67 10.17
N LYS A 877 7.54 5.62 9.16
CA LYS A 877 8.92 5.25 9.41
C LYS A 877 9.67 6.33 10.16
N VAL A 878 9.23 7.58 10.04
CA VAL A 878 9.85 8.67 10.78
C VAL A 878 9.56 8.54 12.27
N VAL A 879 8.29 8.30 12.61
CA VAL A 879 7.91 8.21 14.02
C VAL A 879 8.55 7.00 14.68
N GLY A 880 8.54 5.86 14.00
CA GLY A 880 9.16 4.67 14.55
C GLY A 880 10.66 4.84 14.75
N ASP A 881 11.31 5.51 13.81
CA ASP A 881 12.76 5.74 13.93
C ASP A 881 13.07 6.57 15.16
N MET A 882 12.30 7.63 15.41
CA MET A 882 12.53 8.44 16.60
C MET A 882 12.29 7.64 17.86
N ALA A 883 11.12 7.00 17.97
CA ALA A 883 10.75 6.30 19.19
C ALA A 883 11.73 5.18 19.50
N LEU A 884 12.12 4.42 18.49
CA LEU A 884 13.11 3.38 18.71
C LEU A 884 14.45 3.97 19.12
N PHE A 885 14.78 5.13 18.57
CA PHE A 885 16.05 5.78 18.88
C PHE A 885 16.10 6.25 20.33
N MET A 886 14.99 6.82 20.84
CA MET A 886 15.02 7.32 22.21
C MET A 886 15.08 6.19 23.22
N ILE A 887 14.33 5.11 23.00
CA ILE A 887 14.44 3.95 23.87
C ILE A 887 15.84 3.37 23.79
N GLN A 888 16.43 3.38 22.60
CA GLN A 888 17.79 2.89 22.43
C GLN A 888 18.81 3.73 23.19
N ASN A 889 18.45 4.95 23.60
CA ASN A 889 19.39 5.81 24.31
C ASN A 889 18.80 6.36 25.62
N ASP A 890 17.70 5.78 26.09
CA ASP A 890 17.10 6.15 27.37
C ASP A 890 16.78 7.65 27.43
N LEU A 891 16.34 8.19 26.30
CA LEU A 891 15.98 9.59 26.20
C LEU A 891 14.50 9.74 26.42
N THR A 892 14.12 10.53 27.42
CA THR A 892 12.73 10.89 27.61
C THR A 892 12.39 12.07 26.71
N GLU A 893 11.14 12.52 26.78
CA GLU A 893 10.76 13.71 26.03
C GLU A 893 11.51 14.94 26.52
N GLU A 894 11.64 15.08 27.84
CA GLU A 894 12.16 16.31 28.41
C GLU A 894 13.67 16.47 28.26
N ASP A 895 14.39 15.42 27.86
CA ASP A 895 15.82 15.61 27.64
C ASP A 895 16.14 16.01 26.20
N VAL A 896 15.37 15.52 25.24
CA VAL A 896 15.59 15.88 23.84
C VAL A 896 15.37 17.37 23.64
N TYR A 897 14.64 18.01 24.54
CA TYR A 897 14.52 19.46 24.57
C TYR A 897 15.66 20.11 25.31
N ALA A 898 16.45 19.34 26.06
CA ALA A 898 17.52 19.86 26.90
C ALA A 898 18.89 19.36 26.48
N ARG A 899 19.03 18.04 26.31
CA ARG A 899 20.28 17.45 25.85
C ARG A 899 20.25 17.14 24.37
N GLY A 900 19.28 17.68 23.65
CA GLY A 900 19.12 17.35 22.25
C GLY A 900 20.11 17.98 21.30
N ASN A 901 20.91 18.93 21.76
CA ASN A 901 21.81 19.66 20.88
C ASN A 901 23.06 18.88 20.51
N GLU A 902 23.29 17.72 21.13
CA GLU A 902 24.43 16.90 20.78
C GLU A 902 24.05 15.54 20.22
N LEU A 903 22.79 15.12 20.34
CA LEU A 903 22.36 13.83 19.82
C LEU A 903 22.34 13.84 18.29
N ASN A 904 22.62 12.68 17.71
CA ASN A 904 22.58 12.49 16.26
C ASN A 904 21.30 11.74 15.94
N PHE A 905 20.24 12.49 15.62
CA PHE A 905 18.95 11.90 15.35
C PHE A 905 19.00 11.03 14.10
N PRO A 906 18.09 10.07 13.97
CA PRO A 906 18.08 9.24 12.77
C PRO A 906 17.90 10.08 11.52
N GLU A 907 18.48 9.62 10.42
CA GLU A 907 18.44 10.39 9.18
C GLU A 907 17.01 10.65 8.73
N SER A 908 16.13 9.67 8.90
CA SER A 908 14.74 9.86 8.51
C SER A 908 14.04 10.93 9.32
N VAL A 909 14.57 11.27 10.49
CA VAL A 909 13.92 12.28 11.33
C VAL A 909 14.37 13.68 10.93
N VAL A 910 15.67 13.89 10.74
CA VAL A 910 16.16 15.19 10.33
C VAL A 910 15.61 15.54 8.95
N SER A 911 15.56 14.55 8.05
CA SER A 911 15.01 14.78 6.72
C SER A 911 13.53 15.18 6.80
N PHE A 912 12.76 14.52 7.66
CA PHE A 912 11.36 14.89 7.83
C PHE A 912 11.23 16.32 8.34
N PHE A 913 12.05 16.69 9.31
CA PHE A 913 11.99 18.04 9.88
C PHE A 913 12.63 19.08 8.98
N ARG A 914 13.36 18.66 7.95
CA ARG A 914 13.86 19.55 6.92
C ARG A 914 12.85 19.80 5.82
N GLY A 915 11.65 19.23 5.92
CA GLY A 915 10.63 19.41 4.92
C GLY A 915 10.71 18.47 3.74
N ASP A 916 11.50 17.40 3.84
CA ASP A 916 11.66 16.49 2.70
C ASP A 916 10.43 15.63 2.44
N LEU A 917 9.54 15.48 3.42
CA LEU A 917 8.32 14.71 3.25
C LEU A 917 7.11 15.59 2.99
N GLY A 918 7.31 16.88 2.76
CA GLY A 918 6.21 17.82 2.68
C GLY A 918 5.98 18.53 4.00
N GLN A 919 4.92 19.34 4.02
CA GLN A 919 4.59 20.12 5.20
C GLN A 919 3.42 19.48 5.91
N PRO A 920 3.58 19.07 7.17
CA PRO A 920 2.44 18.53 7.92
C PRO A 920 1.43 19.61 8.27
N VAL A 921 0.22 19.16 8.62
CA VAL A 921 -0.81 20.07 9.06
C VAL A 921 -0.43 20.64 10.42
N GLY A 922 -0.55 21.96 10.57
CA GLY A 922 -0.14 22.63 11.78
C GLY A 922 1.33 22.94 11.86
N GLY A 923 2.11 22.61 10.82
CA GLY A 923 3.52 22.90 10.84
C GLY A 923 4.27 22.02 11.83
N PHE A 924 5.49 22.41 12.08
CA PHE A 924 6.34 21.68 13.00
C PHE A 924 6.36 22.33 14.36
N PRO A 925 6.68 21.58 15.40
CA PRO A 925 6.94 22.20 16.71
C PRO A 925 8.26 22.93 16.67
N GLU A 926 8.22 24.21 16.27
CA GLU A 926 9.40 24.98 15.91
C GLU A 926 10.60 24.78 16.84
N LYS A 927 10.38 24.87 18.15
CA LYS A 927 11.49 24.74 19.08
C LYS A 927 12.13 23.36 18.96
N LEU A 928 11.30 22.33 18.85
CA LEU A 928 11.81 20.98 18.63
C LEU A 928 12.49 20.84 17.28
N GLN A 929 12.00 21.57 16.26
CA GLN A 929 12.57 21.43 14.92
C GLN A 929 14.01 21.91 14.87
N LYS A 930 14.30 23.05 15.49
CA LYS A 930 15.68 23.55 15.50
C LYS A 930 16.60 22.58 16.22
N ILE A 931 16.13 21.99 17.32
CA ILE A 931 16.94 21.00 18.05
C ILE A 931 17.31 19.83 17.14
N ILE A 932 16.47 19.52 16.15
CA ILE A 932 16.74 18.39 15.27
C ILE A 932 17.60 18.79 14.09
N VAL A 933 17.21 19.83 13.35
CA VAL A 933 17.93 20.24 12.16
C VAL A 933 18.89 21.34 12.60
N LYS A 934 20.09 20.94 13.03
CA LYS A 934 21.03 21.87 13.62
C LYS A 934 21.48 22.94 12.63
N ASP A 935 22.18 22.54 11.58
CA ASP A 935 22.76 23.45 10.60
C ASP A 935 22.41 23.01 9.20
N LYS A 936 21.14 22.69 8.99
CA LYS A 936 20.66 22.18 7.72
C LYS A 936 19.57 23.08 7.18
N ALA A 937 19.47 23.14 5.86
CA ALA A 937 18.45 23.96 5.23
C ALA A 937 17.08 23.35 5.44
N VAL A 938 16.12 24.18 5.84
CA VAL A 938 14.73 23.78 6.01
C VAL A 938 13.94 24.38 4.87
N ILE A 939 13.26 23.53 4.11
CA ILE A 939 12.43 23.96 3.00
C ILE A 939 10.97 23.91 3.44
N THR A 940 10.15 24.79 2.88
CA THR A 940 8.75 24.88 3.24
C THR A 940 7.82 24.72 2.05
N ASP A 941 8.35 24.32 0.90
CA ASP A 941 7.56 24.09 -0.29
C ASP A 941 7.67 22.62 -0.67
N ARG A 942 7.11 22.27 -1.82
CA ARG A 942 7.16 20.90 -2.28
C ARG A 942 8.61 20.47 -2.44
N PRO A 943 9.03 19.36 -1.83
CA PRO A 943 10.40 18.89 -2.06
C PRO A 943 10.69 18.61 -3.51
N GLY A 944 9.70 18.17 -4.28
CA GLY A 944 9.91 17.92 -5.68
C GLY A 944 10.27 19.17 -6.46
N LEU A 945 9.85 20.33 -5.96
CA LEU A 945 10.21 21.60 -6.61
C LEU A 945 11.72 21.81 -6.61
N HIS A 946 12.41 21.29 -5.61
CA HIS A 946 13.86 21.39 -5.52
C HIS A 946 14.58 20.19 -6.13
N ALA A 947 13.83 19.21 -6.65
CA ALA A 947 14.46 17.97 -7.07
C ALA A 947 15.35 18.19 -8.28
N GLU A 948 16.45 17.45 -8.34
CA GLU A 948 17.40 17.59 -9.42
C GLU A 948 16.83 17.02 -10.70
N LYS A 949 16.97 17.76 -11.79
CA LYS A 949 16.32 17.41 -13.05
C LYS A 949 16.86 16.10 -13.60
N VAL A 950 15.95 15.28 -14.13
CA VAL A 950 16.28 14.00 -14.74
C VAL A 950 15.94 14.08 -16.22
N ASP A 951 16.89 13.67 -17.05
CA ASP A 951 16.72 13.62 -18.50
C ASP A 951 16.68 12.15 -18.91
N PHE A 952 15.53 11.71 -19.42
CA PHE A 952 15.33 10.28 -19.63
C PHE A 952 16.26 9.74 -20.70
N GLU A 953 16.57 10.54 -21.73
CA GLU A 953 17.42 10.05 -22.80
C GLU A 953 18.81 9.70 -22.28
N THR A 954 19.38 10.52 -21.42
CA THR A 954 20.68 10.18 -20.85
C THR A 954 20.57 9.03 -19.86
N VAL A 955 19.44 8.91 -19.16
CA VAL A 955 19.25 7.76 -18.28
C VAL A 955 19.18 6.48 -19.10
N LYS A 956 18.56 6.55 -20.27
CA LYS A 956 18.51 5.38 -21.15
C LYS A 956 19.91 4.99 -21.61
N ALA A 957 20.76 5.98 -21.90
CA ALA A 957 22.14 5.68 -22.29
C ALA A 957 22.93 5.14 -21.11
N ASP A 958 22.82 5.79 -19.95
CA ASP A 958 23.54 5.35 -18.77
C ASP A 958 23.06 3.99 -18.30
N LEU A 959 21.84 3.59 -18.65
CA LEU A 959 21.34 2.29 -18.25
C LEU A 959 21.69 1.20 -19.25
N GLU A 960 21.64 1.52 -20.55
CA GLU A 960 21.94 0.52 -21.56
C GLU A 960 23.35 -0.02 -21.40
N GLN A 961 24.31 0.88 -21.15
CA GLN A 961 25.68 0.46 -20.93
C GLN A 961 25.83 -0.40 -19.68
N LYS A 962 24.90 -0.29 -18.74
CA LYS A 962 25.03 -0.97 -17.46
C LYS A 962 24.36 -2.34 -17.43
N ILE A 963 23.25 -2.50 -18.17
CA ILE A 963 22.53 -3.77 -18.15
C ILE A 963 22.85 -4.64 -19.35
N GLY A 964 23.51 -4.11 -20.37
CA GLY A 964 23.88 -4.87 -21.53
C GLY A 964 22.84 -4.92 -22.64
N TYR A 965 21.75 -4.18 -22.53
CA TYR A 965 20.75 -4.18 -23.59
C TYR A 965 19.93 -2.90 -23.48
N GLU A 966 19.23 -2.58 -24.55
CA GLU A 966 18.48 -1.33 -24.59
C GLU A 966 17.20 -1.45 -23.76
N PRO A 967 17.00 -0.61 -22.76
CA PRO A 967 15.87 -0.79 -21.85
C PRO A 967 14.59 -0.18 -22.40
N GLY A 968 13.47 -0.81 -22.04
CA GLY A 968 12.18 -0.22 -22.31
C GLY A 968 11.90 0.94 -21.37
N ASP A 969 10.83 1.66 -21.67
CA ASP A 969 10.50 2.85 -20.88
C ASP A 969 10.17 2.51 -19.44
N HIS A 970 9.71 1.29 -19.15
CA HIS A 970 9.45 0.91 -17.77
C HIS A 970 10.75 0.62 -17.02
N GLU A 971 11.73 0.02 -17.70
CA GLU A 971 13.01 -0.24 -17.03
C GLU A 971 13.75 1.04 -16.70
N VAL A 972 13.53 2.09 -17.49
CA VAL A 972 14.19 3.36 -17.23
C VAL A 972 13.65 4.00 -15.95
N ILE A 973 12.32 4.03 -15.81
CA ILE A 973 11.75 4.60 -14.58
C ILE A 973 12.05 3.71 -13.39
N SER A 974 12.06 2.39 -13.60
CA SER A 974 12.44 1.50 -12.52
C SER A 974 13.87 1.76 -12.07
N TYR A 975 14.76 2.00 -13.03
CA TYR A 975 16.13 2.36 -12.68
C TYR A 975 16.17 3.70 -11.96
N ILE A 976 15.36 4.67 -12.41
CA ILE A 976 15.38 6.00 -11.80
C ILE A 976 14.96 5.93 -10.34
N MET A 977 13.91 5.18 -10.04
CA MET A 977 13.33 5.18 -8.71
C MET A 977 13.88 4.09 -7.80
N TYR A 978 14.69 3.18 -8.33
CA TYR A 978 15.37 2.18 -7.51
C TYR A 978 16.68 1.83 -8.19
N PRO A 979 17.63 2.75 -8.19
CA PRO A 979 18.87 2.52 -8.96
C PRO A 979 19.60 1.25 -8.57
N GLN A 980 19.99 1.14 -7.31
CA GLN A 980 20.75 -0.02 -6.86
C GLN A 980 19.90 -1.28 -6.90
N VAL A 981 18.64 -1.17 -6.51
CA VAL A 981 17.77 -2.34 -6.45
C VAL A 981 17.56 -2.91 -7.84
N PHE A 982 17.26 -2.04 -8.81
CA PHE A 982 17.05 -2.50 -10.17
C PHE A 982 18.29 -3.16 -10.74
N LEU A 983 19.46 -2.56 -10.50
CA LEU A 983 20.70 -3.14 -11.00
C LEU A 983 21.05 -4.44 -10.28
N ASP A 984 20.73 -4.53 -9.00
CA ASP A 984 20.92 -5.79 -8.30
C ASP A 984 19.99 -6.86 -8.85
N TYR A 985 18.77 -6.48 -9.24
CA TYR A 985 17.88 -7.44 -9.89
C TYR A 985 18.45 -7.89 -11.23
N GLN A 986 19.04 -6.97 -11.99
CA GLN A 986 19.65 -7.34 -13.26
C GLN A 986 20.81 -8.31 -13.07
N LYS A 987 21.63 -8.10 -12.03
CA LYS A 987 22.71 -9.04 -11.75
C LYS A 987 22.16 -10.43 -11.49
N MET A 988 21.10 -10.52 -10.67
CA MET A 988 20.53 -11.82 -10.35
C MET A 988 19.87 -12.46 -11.56
N GLN A 989 19.26 -11.65 -12.43
CA GLN A 989 18.72 -12.19 -13.67
C GLN A 989 19.83 -12.70 -14.58
N ARG A 990 21.02 -12.10 -14.50
CA ARG A 990 22.15 -12.64 -15.24
C ARG A 990 22.58 -13.98 -14.66
N GLU A 991 22.61 -14.09 -13.33
CA GLU A 991 23.05 -15.31 -12.68
C GLU A 991 21.96 -16.39 -12.71
N PHE A 992 20.75 -16.05 -12.25
CA PHE A 992 19.70 -17.05 -12.09
C PHE A 992 18.59 -16.97 -13.12
N GLY A 993 18.43 -15.84 -13.80
CA GLY A 993 17.36 -15.78 -14.77
C GLY A 993 16.00 -15.65 -14.11
N ALA A 994 14.97 -16.13 -14.81
CA ALA A 994 13.59 -15.92 -14.43
C ALA A 994 13.19 -16.93 -13.38
N VAL A 995 13.55 -16.64 -12.12
CA VAL A 995 13.11 -17.46 -11.01
C VAL A 995 11.63 -17.30 -10.74
N THR A 996 10.98 -16.32 -11.39
CA THR A 996 9.55 -16.14 -11.23
C THR A 996 8.76 -17.33 -11.76
N LEU A 997 9.34 -18.14 -12.65
CA LEU A 997 8.61 -19.26 -13.22
C LEU A 997 8.61 -20.50 -12.34
N LEU A 998 9.44 -20.55 -11.30
CA LEU A 998 9.42 -21.67 -10.38
C LEU A 998 8.21 -21.58 -9.46
N ASP A 999 7.71 -22.73 -9.03
CA ASP A 999 6.69 -22.75 -7.99
C ASP A 999 7.29 -22.28 -6.68
N THR A 1000 6.41 -21.85 -5.77
CA THR A 1000 6.89 -21.24 -4.53
C THR A 1000 7.72 -22.19 -3.66
N PRO A 1001 7.28 -23.42 -3.38
CA PRO A 1001 8.13 -24.30 -2.56
C PRO A 1001 9.50 -24.55 -3.19
N THR A 1002 9.55 -24.73 -4.50
CA THR A 1002 10.84 -24.88 -5.18
C THR A 1002 11.61 -23.57 -5.15
N PHE A 1003 10.91 -22.45 -5.32
CA PHE A 1003 11.56 -21.16 -5.26
C PHE A 1003 12.17 -20.90 -3.89
N LEU A 1004 11.47 -21.32 -2.83
CA LEU A 1004 11.89 -20.98 -1.48
C LEU A 1004 12.80 -22.02 -0.84
N HIS A 1005 12.67 -23.29 -1.21
CA HIS A 1005 13.38 -24.36 -0.53
C HIS A 1005 14.27 -25.17 -1.45
N GLY A 1006 14.42 -24.76 -2.70
CA GLY A 1006 15.25 -25.47 -3.63
C GLY A 1006 14.42 -26.26 -4.61
MN MN B . -3.61 -0.55 3.60
O1 OAA C . -0.55 1.33 5.19
O2 OAA C . 1.41 2.47 5.48
O4 OAA C . 2.78 0.60 1.15
O5 OAA C . 2.25 2.82 1.07
O3 OAA C . 0.08 0.25 2.24
C1 OAA C . 0.43 2.07 4.72
C2 OAA C . 0.42 2.46 3.27
C3 OAA C . 0.78 1.35 2.32
C4 OAA C . 2.00 1.60 1.47
#